data_5G43
#
_entry.id   5G43
#
_cell.length_a   61.940
_cell.length_b   61.940
_cell.length_c   157.230
_cell.angle_alpha   90.00
_cell.angle_beta   90.00
_cell.angle_gamma   90.00
#
_symmetry.space_group_name_H-M   'P 41 21 2'
#
loop_
_entity.id
_entity.type
_entity.pdbx_description
1 polymer 'NUCLEAR RECEPTOR ROR-GAMMA'
2 polymer RORG
3 non-polymer 2-(1-PIPERIDINYL)-1,3-THIAZOL-4-AMINE
4 water water
#
loop_
_entity_poly.entity_id
_entity_poly.type
_entity_poly.pdbx_seq_one_letter_code
_entity_poly.pdbx_strand_id
1 'polypeptide(L)'
;HNHNHNHNHNHNGGENLYFQGASLTEIEHLVQSVCKSYRETCQLRLEDLLRQRSNIFSREEVTGYQRKSMWEMWERCAHH
LTEAIQYVVEFAKRLSGFMELCQNDQIVLLKAGAMEVVLVRMCRAYNADNRTVFFEGKYGGMELFRALGCSELISSIFDF
SHSLSALHFSEDEIALYTALVLINAHRPGLQEKRKVEQLQYNLELAFHHHLCKTHRQSILAKLPPKGKLRSLCSQHVERL
QIFQHLHPIVVQAAFPPLYKELFSGG
;
A
2 'polypeptide(L)' KHKILHRLLQDS C
#
loop_
_chem_comp.id
_chem_comp.type
_chem_comp.name
_chem_comp.formula
5IM non-polymer 2-(1-PIPERIDINYL)-1,3-THIAZOL-4-AMINE 'C8 H13 N3 S'
#
# COMPACT_ATOMS: atom_id res chain seq x y z
N GLU A 15 -17.03 -14.74 -17.83
CA GLU A 15 -15.93 -13.80 -17.95
C GLU A 15 -14.69 -14.25 -17.16
N ASN A 16 -14.87 -14.61 -15.86
CA ASN A 16 -13.79 -15.09 -14.97
C ASN A 16 -14.34 -16.12 -13.98
N LEU A 17 -13.52 -17.15 -13.66
CA LEU A 17 -13.87 -18.25 -12.75
C LEU A 17 -14.13 -17.77 -11.32
N TYR A 18 -13.31 -16.82 -10.85
CA TYR A 18 -13.43 -16.29 -9.49
C TYR A 18 -14.63 -15.37 -9.22
N PHE A 19 -15.52 -15.20 -10.22
CA PHE A 19 -16.79 -14.45 -10.10
C PHE A 19 -17.97 -15.40 -9.78
N GLN A 20 -17.67 -16.70 -9.53
CA GLN A 20 -18.60 -17.77 -9.12
C GLN A 20 -17.91 -18.66 -8.02
N GLY A 21 -18.61 -19.68 -7.52
CA GLY A 21 -18.10 -20.57 -6.48
C GLY A 21 -16.97 -21.48 -6.92
N ALA A 22 -15.78 -21.33 -6.31
CA ALA A 22 -14.56 -22.09 -6.66
C ALA A 22 -14.30 -23.33 -5.80
N SER A 23 -13.78 -24.41 -6.42
CA SER A 23 -13.42 -25.66 -5.74
C SER A 23 -12.10 -25.50 -4.93
N LEU A 24 -11.71 -26.51 -4.12
CA LEU A 24 -10.47 -26.49 -3.33
C LEU A 24 -9.23 -26.35 -4.21
N THR A 25 -9.26 -26.98 -5.39
CA THR A 25 -8.18 -26.97 -6.39
C THR A 25 -8.00 -25.56 -6.97
N GLU A 26 -9.11 -24.92 -7.37
CA GLU A 26 -9.14 -23.57 -7.91
C GLU A 26 -8.62 -22.55 -6.89
N ILE A 27 -8.94 -22.75 -5.59
CA ILE A 27 -8.49 -21.95 -4.44
C ILE A 27 -6.98 -22.09 -4.28
N GLU A 28 -6.46 -23.31 -4.52
CA GLU A 28 -5.02 -23.59 -4.47
C GLU A 28 -4.25 -22.88 -5.58
N HIS A 29 -4.84 -22.74 -6.77
CA HIS A 29 -4.21 -22.05 -7.89
C HIS A 29 -4.25 -20.53 -7.70
N LEU A 30 -5.25 -20.03 -6.97
CA LEU A 30 -5.41 -18.62 -6.70
C LEU A 30 -4.31 -18.22 -5.72
N VAL A 31 -4.02 -19.10 -4.75
CA VAL A 31 -2.96 -18.91 -3.75
C VAL A 31 -1.65 -18.70 -4.49
N GLN A 32 -1.30 -19.60 -5.42
CA GLN A 32 -0.07 -19.41 -6.16
C GLN A 32 -0.07 -18.25 -7.14
N SER A 33 -1.22 -17.94 -7.73
CA SER A 33 -1.39 -16.80 -8.63
C SER A 33 -1.06 -15.47 -7.90
N VAL A 34 -1.65 -15.24 -6.70
CA VAL A 34 -1.51 -14.04 -5.88
C VAL A 34 -0.08 -13.88 -5.40
N CYS A 35 0.50 -14.96 -4.83
CA CYS A 35 1.90 -14.97 -4.35
C CYS A 35 2.88 -14.69 -5.53
N LYS A 36 2.52 -15.16 -6.73
CA LYS A 36 3.31 -14.91 -7.94
C LYS A 36 3.24 -13.43 -8.33
N SER A 37 2.02 -12.88 -8.62
CA SER A 37 1.73 -11.47 -8.98
C SER A 37 2.41 -10.49 -8.04
N TYR A 38 2.43 -10.81 -6.73
CA TYR A 38 3.05 -10.01 -5.68
C TYR A 38 4.58 -9.96 -5.83
N ARG A 39 5.24 -11.16 -5.91
CA ARG A 39 6.69 -11.32 -6.12
C ARG A 39 7.21 -10.49 -7.34
N GLU A 40 6.42 -10.41 -8.41
CA GLU A 40 6.73 -9.67 -9.65
C GLU A 40 6.56 -8.15 -9.49
N THR A 41 5.94 -7.69 -8.38
CA THR A 41 5.61 -6.27 -8.18
C THR A 41 5.95 -5.72 -6.80
N CYS A 42 6.72 -6.47 -6.00
CA CYS A 42 7.03 -6.04 -4.63
C CYS A 42 7.96 -4.81 -4.41
N GLN A 43 8.53 -4.24 -5.51
CA GLN A 43 9.41 -3.05 -5.53
C GLN A 43 10.85 -3.31 -5.04
N LEU A 44 10.99 -3.96 -3.88
CA LEU A 44 12.25 -4.38 -3.26
C LEU A 44 12.07 -5.76 -2.65
N ARG A 45 13.06 -6.66 -2.86
CA ARG A 45 13.05 -8.02 -2.31
C ARG A 45 13.21 -7.91 -0.79
N LEU A 46 12.61 -8.85 -0.03
CA LEU A 46 12.72 -8.83 1.44
C LEU A 46 14.17 -8.93 1.88
N GLU A 47 14.97 -9.79 1.20
CA GLU A 47 16.39 -10.00 1.46
C GLU A 47 17.20 -8.72 1.32
N ASP A 48 16.95 -7.91 0.27
CA ASP A 48 17.60 -6.62 0.04
C ASP A 48 17.27 -5.66 1.19
N LEU A 49 16.01 -5.67 1.67
CA LEU A 49 15.58 -4.83 2.78
C LEU A 49 16.18 -5.26 4.10
N LEU A 50 16.35 -6.57 4.32
CA LEU A 50 16.98 -7.08 5.56
C LEU A 50 18.51 -6.88 5.52
N ARG A 51 19.11 -6.88 4.30
CA ARG A 51 20.54 -6.68 4.04
C ARG A 51 21.01 -5.22 4.19
N GLN A 52 20.18 -4.37 4.79
CA GLN A 52 20.48 -2.96 4.97
C GLN A 52 20.19 -2.50 6.38
N ARG A 53 19.46 -3.29 7.18
CA ARG A 53 19.11 -2.94 8.56
C ARG A 53 20.24 -2.22 9.36
N SER A 54 21.49 -2.50 8.98
CA SER A 54 22.73 -1.95 9.57
C SER A 54 23.24 -0.64 8.90
N ASN A 55 22.77 -0.30 7.69
CA ASN A 55 23.11 0.97 7.02
C ASN A 55 22.12 2.09 7.52
N ILE A 56 22.32 2.56 8.76
CA ILE A 56 21.48 3.60 9.39
C ILE A 56 22.02 5.01 9.03
N PHE A 57 21.12 6.01 8.85
CA PHE A 57 21.51 7.41 8.59
C PHE A 57 22.25 7.94 9.83
N SER A 58 23.28 8.78 9.60
CA SER A 58 24.06 9.37 10.69
C SER A 58 23.31 10.57 11.26
N ARG A 59 23.68 11.02 12.47
CA ARG A 59 23.11 12.20 13.13
C ARG A 59 23.22 13.44 12.24
N GLU A 60 24.35 13.56 11.49
CA GLU A 60 24.63 14.65 10.52
C GLU A 60 23.65 14.61 9.34
N GLU A 61 23.39 13.39 8.81
CA GLU A 61 22.47 13.18 7.68
C GLU A 61 21.01 13.44 8.09
N VAL A 62 20.63 12.97 9.32
CA VAL A 62 19.30 13.16 9.93
C VAL A 62 19.03 14.69 10.05
N THR A 63 20.02 15.46 10.52
CA THR A 63 19.97 16.92 10.64
C THR A 63 19.81 17.57 9.27
N GLY A 64 20.45 16.97 8.27
CA GLY A 64 20.35 17.40 6.89
C GLY A 64 18.93 17.38 6.35
N TYR A 65 18.15 16.32 6.71
CA TYR A 65 16.74 16.13 6.35
C TYR A 65 15.89 17.10 7.08
N GLN A 66 16.17 17.25 8.39
CA GLN A 66 15.50 18.13 9.34
C GLN A 66 15.66 19.58 8.91
N ARG A 67 16.81 19.90 8.29
CA ARG A 67 17.10 21.24 7.78
C ARG A 67 16.42 21.56 6.45
N LYS A 68 15.88 20.54 5.75
CA LYS A 68 15.17 20.74 4.47
C LYS A 68 13.85 21.46 4.69
N SER A 69 13.46 22.33 3.75
CA SER A 69 12.20 23.06 3.84
C SER A 69 11.01 22.10 3.90
N MET A 70 9.81 22.61 4.30
CA MET A 70 8.62 21.78 4.37
C MET A 70 8.21 21.32 2.99
N TRP A 71 8.23 22.23 1.99
CA TRP A 71 7.83 21.91 0.63
C TRP A 71 8.70 20.91 -0.05
N GLU A 72 10.02 20.96 0.20
CA GLU A 72 10.98 20.01 -0.35
C GLU A 72 10.74 18.62 0.23
N MET A 73 10.53 18.56 1.57
CA MET A 73 10.28 17.29 2.25
C MET A 73 9.01 16.61 1.71
N TRP A 74 7.91 17.38 1.54
CA TRP A 74 6.64 16.96 0.94
C TRP A 74 6.79 16.43 -0.49
N GLU A 75 7.54 17.16 -1.35
CA GLU A 75 7.82 16.76 -2.74
C GLU A 75 8.51 15.39 -2.82
N ARG A 76 9.66 15.22 -2.09
CA ARG A 76 10.47 14.00 -1.95
C ARG A 76 9.56 12.84 -1.56
N CYS A 77 8.80 13.00 -0.46
CA CYS A 77 7.84 12.02 0.08
C CYS A 77 6.69 11.68 -0.87
N ALA A 78 6.10 12.67 -1.58
CA ALA A 78 5.00 12.48 -2.53
C ALA A 78 5.46 11.65 -3.71
N HIS A 79 6.69 11.94 -4.20
CA HIS A 79 7.37 11.22 -5.28
C HIS A 79 7.63 9.76 -4.82
N HIS A 80 8.17 9.57 -3.60
CA HIS A 80 8.40 8.20 -3.15
C HIS A 80 7.08 7.43 -3.02
N LEU A 81 6.01 8.07 -2.45
CA LEU A 81 4.68 7.51 -2.35
C LEU A 81 4.18 7.11 -3.76
N THR A 82 4.31 8.01 -4.77
CA THR A 82 3.89 7.76 -6.14
C THR A 82 4.56 6.54 -6.75
N GLU A 83 5.90 6.39 -6.60
CA GLU A 83 6.65 5.23 -7.10
C GLU A 83 6.17 3.91 -6.52
N ALA A 84 5.97 3.85 -5.18
CA ALA A 84 5.46 2.69 -4.45
C ALA A 84 4.03 2.34 -4.93
N ILE A 85 3.19 3.35 -5.21
CA ILE A 85 1.81 3.18 -5.69
C ILE A 85 1.77 2.56 -7.09
N GLN A 86 2.75 2.92 -7.92
CA GLN A 86 2.89 2.43 -9.29
C GLN A 86 3.08 0.89 -9.37
N TYR A 87 3.78 0.30 -8.40
CA TYR A 87 4.00 -1.14 -8.31
C TYR A 87 2.72 -1.83 -7.87
N VAL A 88 1.94 -1.16 -7.00
CA VAL A 88 0.64 -1.60 -6.49
C VAL A 88 -0.37 -1.68 -7.66
N VAL A 89 -0.25 -0.76 -8.64
CA VAL A 89 -1.09 -0.71 -9.84
C VAL A 89 -0.78 -1.94 -10.72
N GLU A 90 0.50 -2.33 -10.77
CA GLU A 90 0.98 -3.48 -11.51
C GLU A 90 0.49 -4.78 -10.84
N PHE A 91 0.62 -4.90 -9.51
CA PHE A 91 0.09 -5.99 -8.71
C PHE A 91 -1.41 -6.20 -9.06
N ALA A 92 -2.22 -5.10 -8.99
CA ALA A 92 -3.64 -5.06 -9.33
C ALA A 92 -3.90 -5.63 -10.74
N LYS A 93 -3.16 -5.15 -11.76
CA LYS A 93 -3.30 -5.61 -13.14
C LYS A 93 -3.03 -7.11 -13.31
N ARG A 94 -1.99 -7.61 -12.63
CA ARG A 94 -1.58 -9.02 -12.65
C ARG A 94 -2.43 -9.91 -11.72
N LEU A 95 -3.36 -9.29 -10.99
CA LEU A 95 -4.24 -9.96 -10.05
C LEU A 95 -5.40 -10.60 -10.80
N SER A 96 -5.71 -11.86 -10.42
CA SER A 96 -6.75 -12.72 -10.98
C SER A 96 -8.17 -12.14 -10.79
N GLY A 97 -8.77 -11.66 -11.88
CA GLY A 97 -10.13 -11.10 -11.86
C GLY A 97 -10.21 -9.59 -11.92
N PHE A 98 -9.17 -8.85 -11.44
CA PHE A 98 -9.16 -7.38 -11.46
C PHE A 98 -9.34 -6.80 -12.85
N MET A 99 -8.68 -7.37 -13.86
CA MET A 99 -8.80 -6.89 -15.23
C MET A 99 -10.13 -7.23 -15.93
N GLU A 100 -10.90 -8.21 -15.37
CA GLU A 100 -12.22 -8.60 -15.87
C GLU A 100 -13.33 -7.68 -15.30
N LEU A 101 -12.98 -6.84 -14.32
CA LEU A 101 -13.88 -5.83 -13.76
C LEU A 101 -13.93 -4.65 -14.75
N CYS A 102 -14.95 -3.79 -14.66
CA CYS A 102 -15.05 -2.62 -15.52
C CYS A 102 -14.05 -1.55 -15.07
N GLN A 103 -13.76 -0.58 -15.96
CA GLN A 103 -12.81 0.49 -15.68
C GLN A 103 -13.21 1.40 -14.55
N ASN A 104 -14.52 1.62 -14.34
CA ASN A 104 -15.01 2.42 -13.22
C ASN A 104 -14.55 1.76 -11.92
N ASP A 105 -14.87 0.46 -11.76
CA ASP A 105 -14.57 -0.35 -10.58
C ASP A 105 -13.06 -0.52 -10.33
N GLN A 106 -12.27 -0.66 -11.42
CA GLN A 106 -10.80 -0.76 -11.34
C GLN A 106 -10.23 0.52 -10.72
N ILE A 107 -10.74 1.69 -11.13
CA ILE A 107 -10.34 2.99 -10.61
C ILE A 107 -10.83 3.16 -9.16
N VAL A 108 -12.12 2.86 -8.86
CA VAL A 108 -12.68 2.91 -7.50
C VAL A 108 -11.80 2.17 -6.50
N LEU A 109 -11.50 0.90 -6.81
CA LEU A 109 -10.69 0.01 -5.99
C LEU A 109 -9.27 0.55 -5.75
N LEU A 110 -8.61 1.06 -6.81
CA LEU A 110 -7.27 1.64 -6.76
C LEU A 110 -7.20 2.97 -6.04
N LYS A 111 -8.20 3.85 -6.21
CA LYS A 111 -8.30 5.12 -5.53
C LYS A 111 -8.43 4.97 -4.00
N ALA A 112 -9.26 4.02 -3.56
CA ALA A 112 -9.49 3.71 -2.14
C ALA A 112 -8.41 2.78 -1.53
N GLY A 113 -7.99 1.76 -2.30
CA GLY A 113 -7.07 0.73 -1.84
C GLY A 113 -5.58 0.85 -1.99
N ALA A 114 -5.09 1.58 -3.03
CA ALA A 114 -3.65 1.76 -3.30
C ALA A 114 -2.80 2.18 -2.07
N MET A 115 -3.15 3.31 -1.41
CA MET A 115 -2.45 3.81 -0.22
C MET A 115 -2.44 2.78 0.92
N GLU A 116 -3.58 2.11 1.17
CA GLU A 116 -3.75 1.09 2.19
C GLU A 116 -2.77 -0.10 1.93
N VAL A 117 -2.59 -0.48 0.63
CA VAL A 117 -1.65 -1.52 0.20
C VAL A 117 -0.20 -1.06 0.50
N VAL A 118 0.16 0.18 0.12
CA VAL A 118 1.47 0.77 0.38
C VAL A 118 1.78 0.79 1.89
N LEU A 119 0.80 1.15 2.74
CA LEU A 119 0.95 1.14 4.20
C LEU A 119 1.18 -0.27 4.75
N VAL A 120 0.58 -1.29 4.13
CA VAL A 120 0.77 -2.69 4.55
C VAL A 120 2.15 -3.18 4.08
N ARG A 121 2.47 -3.00 2.79
CA ARG A 121 3.76 -3.37 2.17
C ARG A 121 4.97 -2.78 2.90
N MET A 122 4.75 -1.60 3.52
CA MET A 122 5.69 -0.78 4.25
C MET A 122 6.32 -1.43 5.47
N CYS A 123 5.62 -2.36 6.14
CA CYS A 123 6.11 -3.04 7.34
C CYS A 123 7.37 -3.87 7.06
N ARG A 124 7.59 -4.26 5.77
CA ARG A 124 8.77 -4.99 5.33
C ARG A 124 9.98 -4.07 5.45
N ALA A 125 9.81 -2.81 4.99
CA ALA A 125 10.82 -1.76 4.98
C ALA A 125 11.04 -1.08 6.36
N TYR A 126 10.40 -1.59 7.41
CA TYR A 126 10.48 -1.07 8.78
C TYR A 126 11.13 -2.10 9.71
N ASN A 127 12.05 -1.64 10.55
CA ASN A 127 12.80 -2.48 11.46
C ASN A 127 12.32 -2.22 12.90
N ALA A 128 11.55 -3.18 13.47
CA ALA A 128 10.98 -3.07 14.82
C ALA A 128 12.00 -3.03 15.98
N ASP A 129 13.26 -3.46 15.70
CA ASP A 129 14.36 -3.47 16.67
C ASP A 129 14.86 -2.06 17.04
N ASN A 130 14.99 -1.18 16.04
CA ASN A 130 15.48 0.18 16.23
C ASN A 130 14.45 1.26 15.88
N ARG A 131 13.24 0.84 15.39
CA ARG A 131 12.09 1.70 15.04
C ARG A 131 12.47 2.69 13.92
N THR A 132 13.10 2.15 12.87
CA THR A 132 13.57 2.89 11.69
C THR A 132 12.89 2.34 10.44
N VAL A 133 12.84 3.15 9.40
CA VAL A 133 12.26 2.81 8.12
C VAL A 133 13.33 3.01 7.04
N PHE A 134 13.30 2.17 6.01
CA PHE A 134 14.18 2.31 4.88
C PHE A 134 13.64 3.42 3.98
N PHE A 135 14.32 4.58 4.01
CA PHE A 135 13.96 5.74 3.23
C PHE A 135 15.23 6.19 2.51
N GLU A 136 15.12 6.47 1.20
CA GLU A 136 16.22 6.95 0.35
C GLU A 136 17.61 6.30 0.60
N GLY A 137 17.67 4.98 0.54
CA GLY A 137 18.93 4.25 0.66
C GLY A 137 19.37 3.76 2.02
N LYS A 138 18.86 4.35 3.12
CA LYS A 138 19.28 3.99 4.48
C LYS A 138 18.09 3.95 5.46
N TYR A 139 18.33 3.42 6.67
CA TYR A 139 17.35 3.33 7.74
C TYR A 139 17.41 4.54 8.68
N GLY A 140 16.27 5.20 8.83
CA GLY A 140 16.16 6.34 9.73
C GLY A 140 14.89 6.29 10.53
N GLY A 141 14.95 6.79 11.75
CA GLY A 141 13.80 6.87 12.66
C GLY A 141 12.81 7.91 12.19
N MET A 142 11.66 8.03 12.88
CA MET A 142 10.62 8.99 12.51
C MET A 142 11.01 10.48 12.61
N GLU A 143 12.16 10.78 13.23
CA GLU A 143 12.71 12.13 13.40
C GLU A 143 13.21 12.73 12.08
N LEU A 144 13.50 11.86 11.10
CA LEU A 144 13.96 12.12 9.73
C LEU A 144 12.93 12.96 8.96
N PHE A 145 11.63 12.74 9.29
CA PHE A 145 10.45 13.36 8.66
C PHE A 145 9.88 14.55 9.42
N ARG A 146 10.61 15.07 10.43
CA ARG A 146 10.23 16.23 11.28
C ARG A 146 9.93 17.52 10.49
N ALA A 147 10.52 17.68 9.28
CA ALA A 147 10.27 18.88 8.47
C ALA A 147 8.90 18.90 7.75
N LEU A 148 8.21 17.73 7.64
CA LEU A 148 6.88 17.60 7.00
C LEU A 148 5.79 18.39 7.74
N GLY A 149 5.91 18.47 9.06
CA GLY A 149 4.95 19.18 9.92
C GLY A 149 3.65 18.44 10.08
N CYS A 150 3.75 17.11 10.26
CA CYS A 150 2.64 16.19 10.50
C CYS A 150 3.13 15.02 11.38
N SER A 151 3.54 15.35 12.62
CA SER A 151 4.09 14.41 13.60
C SER A 151 3.15 13.32 14.05
N GLU A 152 1.83 13.62 14.18
CA GLU A 152 0.81 12.62 14.53
C GLU A 152 0.73 11.56 13.44
N LEU A 153 0.66 11.98 12.14
CA LEU A 153 0.59 11.06 11.00
C LEU A 153 1.80 10.12 10.92
N ILE A 154 3.02 10.64 11.10
CA ILE A 154 4.27 9.88 11.05
C ILE A 154 4.36 8.89 12.20
N SER A 155 3.97 9.29 13.42
CA SER A 155 3.99 8.34 14.53
C SER A 155 2.92 7.26 14.36
N SER A 156 1.74 7.61 13.74
CA SER A 156 0.64 6.68 13.41
C SER A 156 1.05 5.66 12.34
N ILE A 157 1.87 6.07 11.36
CA ILE A 157 2.34 5.19 10.27
C ILE A 157 3.44 4.28 10.79
N PHE A 158 4.24 4.75 11.76
CA PHE A 158 5.32 3.96 12.35
C PHE A 158 4.75 2.93 13.33
N ASP A 159 3.75 3.33 14.14
CA ASP A 159 3.05 2.49 15.12
C ASP A 159 2.30 1.38 14.44
N PHE A 160 1.74 1.66 13.24
CA PHE A 160 1.03 0.67 12.42
C PHE A 160 2.01 -0.39 11.86
N SER A 161 3.13 0.06 11.29
CA SER A 161 4.19 -0.81 10.77
C SER A 161 4.79 -1.61 11.91
N HIS A 162 4.87 -1.01 13.12
CA HIS A 162 5.35 -1.70 14.31
C HIS A 162 4.42 -2.83 14.72
N SER A 163 3.09 -2.63 14.60
CA SER A 163 2.04 -3.60 14.86
C SER A 163 2.11 -4.76 13.86
N LEU A 164 2.19 -4.46 12.53
CA LEU A 164 2.29 -5.48 11.46
C LEU A 164 3.57 -6.27 11.54
N SER A 165 4.67 -5.62 11.99
CA SER A 165 5.99 -6.24 12.18
C SER A 165 5.96 -7.34 13.25
N ALA A 166 5.14 -7.15 14.32
CA ALA A 166 4.91 -8.08 15.42
C ALA A 166 4.22 -9.37 14.97
N LEU A 167 3.51 -9.35 13.82
CA LEU A 167 2.77 -10.50 13.27
C LEU A 167 3.68 -11.49 12.56
N HIS A 168 4.93 -11.07 12.22
CA HIS A 168 5.91 -11.88 11.49
C HIS A 168 5.34 -12.43 10.21
N PHE A 169 4.95 -11.53 9.33
CA PHE A 169 4.37 -11.88 8.04
C PHE A 169 5.38 -12.55 7.15
N SER A 170 4.92 -13.49 6.32
CA SER A 170 5.72 -14.10 5.28
C SER A 170 5.36 -13.31 4.05
N GLU A 171 6.16 -13.41 2.96
CA GLU A 171 5.83 -12.67 1.74
C GLU A 171 4.47 -13.10 1.20
N ASP A 172 4.20 -14.43 1.29
CA ASP A 172 2.95 -15.08 0.87
C ASP A 172 1.76 -14.53 1.61
N GLU A 173 1.90 -14.32 2.92
CA GLU A 173 0.86 -13.73 3.78
C GLU A 173 0.60 -12.28 3.40
N ILE A 174 1.66 -11.48 3.17
CA ILE A 174 1.55 -10.08 2.74
C ILE A 174 0.81 -10.06 1.38
N ALA A 175 1.22 -10.94 0.45
CA ALA A 175 0.67 -11.14 -0.89
C ALA A 175 -0.84 -11.29 -0.83
N LEU A 176 -1.28 -12.34 -0.11
CA LEU A 176 -2.67 -12.72 0.09
C LEU A 176 -3.55 -11.68 0.79
N TYR A 177 -3.03 -11.01 1.82
CA TYR A 177 -3.70 -9.98 2.60
C TYR A 177 -3.84 -8.67 1.81
N THR A 178 -2.79 -8.28 1.03
CA THR A 178 -2.81 -7.07 0.19
C THR A 178 -3.76 -7.19 -0.97
N ALA A 179 -4.04 -8.44 -1.44
CA ALA A 179 -5.03 -8.70 -2.49
C ALA A 179 -6.40 -8.42 -1.92
N LEU A 180 -6.61 -8.81 -0.64
CA LEU A 180 -7.83 -8.58 0.11
C LEU A 180 -8.11 -7.11 0.44
N VAL A 181 -7.08 -6.35 0.87
CA VAL A 181 -7.15 -4.91 1.14
C VAL A 181 -7.68 -4.19 -0.12
N LEU A 182 -7.17 -4.56 -1.30
CA LEU A 182 -7.55 -4.02 -2.60
C LEU A 182 -8.93 -4.48 -3.07
N ILE A 183 -9.17 -5.79 -3.08
CA ILE A 183 -10.45 -6.33 -3.50
C ILE A 183 -11.45 -6.25 -2.35
N ASN A 184 -12.01 -5.05 -2.17
CA ASN A 184 -12.97 -4.75 -1.13
C ASN A 184 -14.34 -4.40 -1.76
N ALA A 185 -15.35 -5.31 -1.66
CA ALA A 185 -16.69 -5.08 -2.24
C ALA A 185 -17.54 -3.95 -1.60
N HIS A 186 -17.10 -3.48 -0.43
CA HIS A 186 -17.70 -2.39 0.34
C HIS A 186 -17.21 -0.98 -0.04
N ARG A 187 -16.42 -0.84 -1.13
CA ARG A 187 -15.95 0.49 -1.57
C ARG A 187 -17.10 1.28 -2.18
N PRO A 188 -17.40 2.53 -1.71
CA PRO A 188 -18.49 3.30 -2.34
C PRO A 188 -18.20 3.64 -3.79
N GLY A 189 -19.21 3.47 -4.63
CA GLY A 189 -19.10 3.80 -6.05
C GLY A 189 -18.81 2.65 -6.99
N LEU A 190 -18.89 1.41 -6.46
CA LEU A 190 -18.69 0.18 -7.22
C LEU A 190 -19.97 -0.16 -7.98
N GLN A 191 -19.84 -0.31 -9.31
CA GLN A 191 -20.97 -0.65 -10.19
C GLN A 191 -21.32 -2.14 -10.15
N GLU A 192 -20.32 -3.01 -10.28
CA GLU A 192 -20.50 -4.47 -10.22
C GLU A 192 -20.17 -5.02 -8.82
N LYS A 193 -20.88 -4.50 -7.78
CA LYS A 193 -20.76 -4.90 -6.38
C LYS A 193 -20.77 -6.43 -6.13
N ARG A 194 -21.69 -7.19 -6.79
CA ARG A 194 -21.76 -8.66 -6.65
C ARG A 194 -20.54 -9.36 -7.24
N LYS A 195 -20.01 -8.85 -8.37
CA LYS A 195 -18.82 -9.37 -9.03
C LYS A 195 -17.56 -9.19 -8.14
N VAL A 196 -17.47 -8.04 -7.42
CA VAL A 196 -16.38 -7.74 -6.48
C VAL A 196 -16.56 -8.59 -5.20
N GLU A 197 -17.83 -8.87 -4.80
CA GLU A 197 -18.21 -9.71 -3.67
C GLU A 197 -17.68 -11.15 -3.86
N GLN A 198 -17.81 -11.71 -5.09
CA GLN A 198 -17.35 -13.07 -5.35
C GLN A 198 -15.84 -13.20 -5.39
N LEU A 199 -15.17 -12.22 -6.01
CA LEU A 199 -13.71 -12.15 -6.08
C LEU A 199 -13.14 -11.99 -4.64
N GLN A 200 -13.74 -11.11 -3.82
CA GLN A 200 -13.32 -10.92 -2.42
C GLN A 200 -13.45 -12.24 -1.62
N TYR A 201 -14.58 -12.98 -1.83
CA TYR A 201 -14.85 -14.27 -1.18
C TYR A 201 -13.77 -15.29 -1.53
N ASN A 202 -13.46 -15.41 -2.84
CA ASN A 202 -12.46 -16.35 -3.31
C ASN A 202 -11.06 -16.06 -2.79
N LEU A 203 -10.69 -14.78 -2.70
CA LEU A 203 -9.41 -14.35 -2.12
C LEU A 203 -9.40 -14.55 -0.61
N GLU A 204 -10.54 -14.32 0.09
CA GLU A 204 -10.63 -14.62 1.53
C GLU A 204 -10.36 -16.13 1.74
N LEU A 205 -10.97 -17.00 0.88
CA LEU A 205 -10.78 -18.46 0.93
C LEU A 205 -9.32 -18.82 0.71
N ALA A 206 -8.72 -18.25 -0.36
CA ALA A 206 -7.31 -18.40 -0.74
C ALA A 206 -6.41 -18.06 0.44
N PHE A 207 -6.61 -16.87 1.05
CA PHE A 207 -5.85 -16.40 2.21
C PHE A 207 -6.01 -17.29 3.43
N HIS A 208 -7.26 -17.62 3.81
CA HIS A 208 -7.53 -18.50 4.95
C HIS A 208 -7.03 -19.94 4.74
N HIS A 209 -7.05 -20.45 3.49
CA HIS A 209 -6.52 -21.76 3.12
C HIS A 209 -5.01 -21.85 3.47
N HIS A 210 -4.22 -20.88 2.99
CA HIS A 210 -2.80 -20.78 3.23
C HIS A 210 -2.49 -20.69 4.76
N LEU A 211 -3.22 -19.86 5.52
CA LEU A 211 -3.05 -19.72 6.97
C LEU A 211 -3.36 -21.05 7.70
N CYS A 212 -4.30 -21.81 7.14
CA CYS A 212 -4.73 -23.09 7.66
C CYS A 212 -3.59 -24.12 7.40
N LYS A 213 -3.20 -24.28 6.12
CA LYS A 213 -2.14 -25.15 5.61
C LYS A 213 -0.78 -24.89 6.26
N THR A 214 -0.46 -23.61 6.57
CA THR A 214 0.82 -23.22 7.19
C THR A 214 0.74 -23.11 8.73
N HIS A 215 -0.41 -23.50 9.34
CA HIS A 215 -0.70 -23.44 10.78
C HIS A 215 -0.50 -22.01 11.35
N ARG A 216 -1.03 -21.01 10.61
CA ARG A 216 -0.93 -19.59 10.91
C ARG A 216 -2.28 -18.89 11.16
N GLN A 217 -3.38 -19.66 11.36
CA GLN A 217 -4.72 -19.10 11.58
C GLN A 217 -4.84 -18.17 12.79
N SER A 218 -3.90 -18.27 13.74
CA SER A 218 -3.83 -17.48 14.97
C SER A 218 -3.62 -15.96 14.71
N ILE A 219 -3.05 -15.58 13.55
CA ILE A 219 -2.82 -14.17 13.25
C ILE A 219 -4.10 -13.44 12.82
N LEU A 220 -5.16 -14.20 12.47
CA LEU A 220 -6.45 -13.67 12.04
C LEU A 220 -7.09 -12.73 13.05
N ALA A 221 -6.98 -13.09 14.34
CA ALA A 221 -7.51 -12.33 15.47
C ALA A 221 -6.61 -11.18 15.82
N LYS A 222 -5.31 -11.27 15.45
CA LYS A 222 -4.24 -10.30 15.73
C LYS A 222 -4.11 -9.24 14.64
N LEU A 223 -4.86 -9.38 13.54
CA LEU A 223 -4.83 -8.45 12.40
C LEU A 223 -5.53 -7.12 12.73
N PRO A 224 -5.09 -5.97 12.16
CA PRO A 224 -5.75 -4.70 12.49
C PRO A 224 -7.15 -4.54 11.88
N PRO A 225 -8.04 -3.70 12.49
CA PRO A 225 -9.38 -3.49 11.89
C PRO A 225 -9.32 -2.70 10.59
N LYS A 226 -10.35 -2.82 9.72
CA LYS A 226 -10.41 -2.08 8.43
C LYS A 226 -10.55 -0.56 8.61
N GLY A 227 -10.98 -0.16 9.81
CA GLY A 227 -11.09 1.23 10.22
C GLY A 227 -9.74 1.87 10.45
N LYS A 228 -8.73 1.08 10.83
CA LYS A 228 -7.36 1.54 11.07
C LYS A 228 -6.71 2.01 9.74
N LEU A 229 -6.80 1.20 8.67
CA LEU A 229 -6.28 1.60 7.37
C LEU A 229 -6.98 2.85 6.80
N ARG A 230 -8.29 3.01 7.09
CA ARG A 230 -9.10 4.16 6.69
C ARG A 230 -8.67 5.47 7.40
N SER A 231 -8.47 5.40 8.73
CA SER A 231 -8.01 6.48 9.60
C SER A 231 -6.65 7.05 9.08
N LEU A 232 -5.72 6.15 8.71
CA LEU A 232 -4.41 6.55 8.21
C LEU A 232 -4.49 7.23 6.87
N CYS A 233 -5.35 6.74 5.98
CA CYS A 233 -5.60 7.32 4.67
C CYS A 233 -6.26 8.66 4.76
N SER A 234 -7.28 8.78 5.64
CA SER A 234 -7.99 10.04 5.90
C SER A 234 -7.02 11.08 6.49
N GLN A 235 -6.17 10.68 7.48
CA GLN A 235 -5.17 11.57 8.08
C GLN A 235 -4.19 12.11 7.01
N HIS A 236 -3.77 11.25 6.06
CA HIS A 236 -2.91 11.63 4.94
C HIS A 236 -3.56 12.72 4.08
N VAL A 237 -4.85 12.54 3.71
CA VAL A 237 -5.63 13.50 2.89
C VAL A 237 -5.80 14.83 3.64
N GLU A 238 -6.03 14.78 4.97
CA GLU A 238 -6.14 15.93 5.88
C GLU A 238 -4.85 16.75 5.88
N ARG A 239 -3.67 16.10 6.13
CA ARG A 239 -2.36 16.74 6.16
C ARG A 239 -1.96 17.26 4.78
N LEU A 240 -2.39 16.56 3.71
CA LEU A 240 -2.17 17.05 2.33
C LEU A 240 -2.97 18.36 2.08
N GLN A 241 -4.23 18.45 2.53
CA GLN A 241 -5.08 19.64 2.37
C GLN A 241 -4.45 20.86 3.06
N ILE A 242 -3.88 20.65 4.27
CA ILE A 242 -3.15 21.65 5.05
C ILE A 242 -1.87 22.15 4.29
N PHE A 243 -1.04 21.23 3.74
CA PHE A 243 0.17 21.59 2.97
C PHE A 243 -0.18 22.37 1.71
N GLN A 244 -1.24 21.91 0.98
CA GLN A 244 -1.78 22.51 -0.24
C GLN A 244 -2.23 23.95 -0.01
N HIS A 245 -2.87 24.25 1.13
CA HIS A 245 -3.32 25.60 1.50
C HIS A 245 -2.09 26.51 1.70
N LEU A 246 -1.00 25.96 2.27
CA LEU A 246 0.27 26.67 2.53
C LEU A 246 1.11 26.86 1.29
N HIS A 247 1.19 25.83 0.41
CA HIS A 247 2.01 25.83 -0.81
C HIS A 247 1.22 25.34 -2.02
N PRO A 248 0.22 26.12 -2.51
CA PRO A 248 -0.58 25.66 -3.67
C PRO A 248 0.18 25.38 -4.97
N ILE A 249 1.21 26.19 -5.29
CA ILE A 249 2.01 26.04 -6.51
C ILE A 249 2.91 24.81 -6.45
N VAL A 250 3.42 24.48 -5.27
CA VAL A 250 4.29 23.32 -5.11
C VAL A 250 3.48 22.06 -5.50
N VAL A 251 2.21 21.98 -5.07
CA VAL A 251 1.35 20.85 -5.40
C VAL A 251 1.07 20.82 -6.92
N GLN A 252 0.63 21.94 -7.46
CA GLN A 252 0.28 22.14 -8.86
C GLN A 252 1.41 21.89 -9.82
N ALA A 253 2.62 22.39 -9.49
CA ALA A 253 3.77 22.32 -10.37
C ALA A 253 4.77 21.21 -10.11
N ALA A 254 4.95 20.84 -8.85
CA ALA A 254 5.96 19.84 -8.49
C ALA A 254 5.44 18.51 -7.95
N PHE A 255 4.12 18.34 -7.78
CA PHE A 255 3.60 17.05 -7.27
C PHE A 255 3.27 16.09 -8.41
N PRO A 256 3.56 14.77 -8.29
CA PRO A 256 3.27 13.86 -9.43
C PRO A 256 1.78 13.80 -9.77
N PRO A 257 1.41 13.80 -11.08
CA PRO A 257 -0.03 13.74 -11.45
C PRO A 257 -0.81 12.55 -10.89
N LEU A 258 -0.17 11.36 -10.74
CA LEU A 258 -0.86 10.18 -10.16
C LEU A 258 -1.27 10.44 -8.70
N TYR A 259 -0.36 11.07 -7.91
CA TYR A 259 -0.54 11.47 -6.51
C TYR A 259 -1.72 12.42 -6.42
N LYS A 260 -1.77 13.44 -7.31
CA LYS A 260 -2.84 14.44 -7.33
C LYS A 260 -4.16 13.81 -7.70
N GLU A 261 -4.15 12.90 -8.67
CA GLU A 261 -5.33 12.15 -9.12
C GLU A 261 -5.93 11.29 -7.99
N LEU A 262 -5.06 10.66 -7.14
CA LEU A 262 -5.49 9.80 -6.03
C LEU A 262 -5.87 10.54 -4.77
N PHE A 263 -5.15 11.62 -4.44
CA PHE A 263 -5.34 12.36 -3.19
C PHE A 263 -5.93 13.77 -3.23
N SER A 264 -6.01 14.40 -4.42
CA SER A 264 -6.59 15.74 -4.61
C SER A 264 -7.71 15.74 -5.65
N GLY A 265 -8.06 14.56 -6.17
CA GLY A 265 -9.06 14.39 -7.22
C GLY A 265 -8.79 15.23 -8.45
N GLY A 266 -7.52 15.25 -8.90
CA GLY A 266 -7.05 16.01 -10.05
C GLY A 266 -5.94 16.98 -9.72
N LYS B 1 -6.88 19.31 -13.75
CA LYS B 1 -7.32 17.94 -13.47
C LYS B 1 -6.54 16.89 -14.28
N HIS B 2 -6.18 15.75 -13.64
CA HIS B 2 -5.39 14.64 -14.22
C HIS B 2 -6.14 13.31 -14.25
N LYS B 3 -5.79 12.42 -15.25
CA LYS B 3 -6.31 11.05 -15.45
C LYS B 3 -5.22 10.10 -16.09
N ILE B 4 -4.22 9.71 -15.25
CA ILE B 4 -3.06 8.85 -15.47
C ILE B 4 -3.47 7.40 -15.19
N LEU B 5 -4.49 7.17 -14.33
CA LEU B 5 -4.96 5.83 -13.98
C LEU B 5 -5.53 5.02 -15.15
N HIS B 6 -6.28 5.69 -16.01
CA HIS B 6 -6.86 5.16 -17.25
C HIS B 6 -5.75 4.68 -18.19
N ARG B 7 -4.62 5.41 -18.24
CA ARG B 7 -3.48 5.10 -19.09
C ARG B 7 -2.69 3.91 -18.58
N LEU B 8 -2.36 3.90 -17.27
CA LEU B 8 -1.64 2.80 -16.60
C LEU B 8 -2.39 1.48 -16.77
N LEU B 9 -3.74 1.51 -16.64
CA LEU B 9 -4.63 0.35 -16.75
C LEU B 9 -4.70 -0.23 -18.17
N GLN B 10 -4.68 0.65 -19.19
CA GLN B 10 -4.71 0.33 -20.62
C GLN B 10 -3.33 -0.16 -21.09
N ASP B 11 -2.25 0.57 -20.76
CA ASP B 11 -0.86 0.26 -21.15
C ASP B 11 -0.38 -1.16 -20.79
N SER B 12 -0.26 -2.04 -21.82
CA SER B 12 0.19 -3.43 -21.69
C SER B 12 1.10 -3.83 -22.85
C1 5IM C . 2.93 12.08 3.21
C2 5IM C . 3.44 11.71 1.99
C3 5IM C . 4.68 10.35 3.27
C4 5IM C . 7.78 7.67 4.34
C5 5IM C . 6.66 8.00 5.30
C6 5IM C . 7.41 7.85 2.87
C7 5IM C . 6.06 9.35 5.00
C8 5IM C . 6.68 9.15 2.64
N9 5IM C . 4.39 10.73 2.03
N10 5IM C . 5.61 9.40 3.62
N11 5IM C . 3.04 12.23 0.81
S12 5IM C . 3.70 11.18 4.44
#